data_6U4X
#
_entry.id   6U4X
#
_cell.length_a   95.232
_cell.length_b   95.232
_cell.length_c   141.939
_cell.angle_alpha   90.000
_cell.angle_beta   90.000
_cell.angle_gamma   120.000
#
_symmetry.space_group_name_H-M   'P 61'
#
loop_
_entity.id
_entity.type
_entity.pdbx_description
1 polymer 'Serum albumin'
2 non-polymer 'UNKNOWN LIGAND'
3 non-polymer 'UNKNOWN ATOM OR ION'
4 non-polymer IBUPROFEN
5 non-polymer 'SULFATE ION'
6 water water
#
_entity_poly.entity_id   1
_entity_poly.type   'polypeptide(L)'
_entity_poly.pdbx_seq_one_letter_code
;DTHKSEIAHRFNDLGEKHFKGLVLVAFSQYLQQCPFEDHVKLVNEVTEFAKKCAADESAENCDKSLHTLFGDKLCTVATL
RATYGELADCCEKQEPERNECFLTHKDDHPNLPKLKPEPDAQCAAFQEDPDKFLGKYLYEVARRHPYFYGPELLFHAEEY
KADFTECCPADDKLACLIPKLDALKERILLSSAKERLKCSSFQNFGERAVKAWSVARLSQKFPKADFAEVSKIVTDLTKV
HKECCHGDLLECADDRADLAKYICEHQDSISGKLKACCDKPLLQKSHCIAEVKEDDLPSDLPALAADFAEDKEICKHYKD
AKDVFLGTFLYEYSRRHPDYSVSLLLRIAKTYEATLEKCCAEADPPACYRTVFDQFTPLVEEPKSLVKKNCDLFEEVGEY
DFQNALIVRYTKKAPQVSTPTLVEIGRTLGKVGSRCCKLPESERLPCSENHLALALNRLCVLHEKTPVSEKITKCCTDSL
AERRPCFSALELDEGYVPKEFKAETFTFHADICTLPEDEKQIKKQSALAELVKHKPKATKEQLKTVLGNFSAFVAKCCGA
EDKEACFAEEGPKLVASSQLALA
;
_entity_poly.pdbx_strand_id   A
#
# COMPACT_ATOMS: atom_id res chain seq x y z
N LYS A 4 18.32 -0.69 31.34
CA LYS A 4 19.20 0.42 31.84
C LYS A 4 19.58 1.34 30.67
N SER A 5 20.04 0.77 29.56
CA SER A 5 20.35 1.48 28.29
C SER A 5 19.57 0.86 27.13
N GLU A 6 18.58 1.58 26.60
CA GLU A 6 17.67 1.12 25.52
C GLU A 6 18.48 0.90 24.23
N ILE A 7 19.40 1.81 23.91
CA ILE A 7 20.21 1.76 22.66
C ILE A 7 21.12 0.52 22.70
N ALA A 8 21.68 0.18 23.87
CA ALA A 8 22.51 -1.02 24.08
C ALA A 8 21.69 -2.29 23.82
N HIS A 9 20.53 -2.39 24.46
CA HIS A 9 19.59 -3.54 24.37
C HIS A 9 19.24 -3.83 22.90
N ARG A 10 18.91 -2.79 22.13
CA ARG A 10 18.52 -2.90 20.70
C ARG A 10 19.74 -3.30 19.87
N PHE A 11 20.90 -2.70 20.14
CA PHE A 11 22.18 -3.04 19.45
C PHE A 11 22.51 -4.52 19.71
N ASN A 12 22.43 -4.94 20.98
CA ASN A 12 22.71 -6.34 21.43
C ASN A 12 21.75 -7.31 20.73
N ASP A 13 20.46 -6.99 20.69
CA ASP A 13 19.39 -7.88 20.16
C ASP A 13 19.46 -8.00 18.64
N LEU A 14 19.70 -6.89 17.94
CA LEU A 14 19.58 -6.79 16.46
C LEU A 14 20.93 -7.08 15.77
N GLY A 15 22.04 -6.78 16.44
CA GLY A 15 23.40 -6.83 15.84
C GLY A 15 23.70 -5.55 15.08
N GLU A 16 24.99 -5.28 14.82
CA GLU A 16 25.47 -4.00 14.23
C GLU A 16 24.82 -3.74 12.87
N LYS A 17 24.82 -4.72 11.97
CA LYS A 17 24.42 -4.55 10.55
C LYS A 17 22.94 -4.15 10.49
N HIS A 18 22.05 -4.99 11.05
CA HIS A 18 20.59 -4.73 11.10
C HIS A 18 20.31 -3.42 11.87
N PHE A 19 21.01 -3.17 12.97
CA PHE A 19 20.91 -1.90 13.75
C PHE A 19 21.19 -0.71 12.82
N LYS A 20 22.31 -0.77 12.10
CA LYS A 20 22.77 0.32 11.19
C LYS A 20 21.77 0.50 10.05
N GLY A 21 21.31 -0.61 9.45
CA GLY A 21 20.28 -0.63 8.41
C GLY A 21 19.03 0.12 8.85
N LEU A 22 18.52 -0.21 10.03
CA LEU A 22 17.22 0.31 10.56
C LEU A 22 17.35 1.78 10.95
N VAL A 23 18.50 2.18 11.50
CA VAL A 23 18.75 3.59 11.91
C VAL A 23 18.86 4.46 10.65
N LEU A 24 19.50 3.95 9.60
CA LEU A 24 19.62 4.65 8.29
C LEU A 24 18.23 4.85 7.70
N VAL A 25 17.41 3.80 7.68
CA VAL A 25 16.01 3.84 7.14
C VAL A 25 15.22 4.89 7.94
N ALA A 26 15.24 4.81 9.27
CA ALA A 26 14.48 5.72 10.17
C ALA A 26 14.83 7.17 9.85
N PHE A 27 16.13 7.45 9.68
CA PHE A 27 16.68 8.82 9.42
C PHE A 27 16.25 9.28 8.02
N SER A 28 16.30 8.39 7.03
CA SER A 28 15.91 8.65 5.63
C SER A 28 14.40 8.93 5.54
N GLN A 29 13.60 8.28 6.37
CA GLN A 29 12.11 8.41 6.40
C GLN A 29 11.73 9.72 7.09
N TYR A 30 12.39 10.03 8.21
CA TYR A 30 12.16 11.26 9.02
C TYR A 30 12.74 12.49 8.31
N LEU A 31 13.90 12.31 7.67
CA LEU A 31 14.71 13.39 7.03
C LEU A 31 14.86 13.07 5.54
N GLN A 32 13.87 13.44 4.73
CA GLN A 32 13.65 12.90 3.36
C GLN A 32 14.47 13.67 2.30
N GLN A 33 14.76 14.95 2.52
CA GLN A 33 15.35 15.89 1.52
C GLN A 33 16.88 15.97 1.66
N CYS A 34 17.44 15.59 2.81
CA CYS A 34 18.89 15.66 3.13
C CYS A 34 19.64 14.64 2.29
N PRO A 35 20.88 14.94 1.83
CA PRO A 35 21.66 13.97 1.05
C PRO A 35 22.17 12.79 1.88
N PHE A 36 22.81 11.83 1.21
CA PHE A 36 23.16 10.49 1.75
C PHE A 36 24.25 10.57 2.81
N GLU A 37 25.40 11.16 2.47
CA GLU A 37 26.62 11.13 3.33
C GLU A 37 26.28 11.73 4.71
N ASP A 38 25.47 12.80 4.74
CA ASP A 38 24.96 13.42 6.00
C ASP A 38 24.28 12.35 6.86
N HIS A 39 23.45 11.48 6.28
CA HIS A 39 22.74 10.39 6.99
C HIS A 39 23.74 9.33 7.48
N VAL A 40 24.66 8.90 6.60
CA VAL A 40 25.69 7.85 6.88
C VAL A 40 26.49 8.25 8.13
N LYS A 41 26.90 9.53 8.22
CA LYS A 41 27.70 10.05 9.36
C LYS A 41 26.90 9.90 10.66
N LEU A 42 25.63 10.33 10.64
CA LEU A 42 24.73 10.30 11.84
C LEU A 42 24.48 8.84 12.25
N VAL A 43 24.40 7.91 11.29
CA VAL A 43 24.26 6.45 11.55
C VAL A 43 25.52 5.94 12.27
N ASN A 44 26.69 6.20 11.68
CA ASN A 44 28.00 5.72 12.18
C ASN A 44 28.27 6.30 13.58
N GLU A 45 27.92 7.57 13.81
CA GLU A 45 28.11 8.28 15.11
C GLU A 45 27.18 7.67 16.17
N VAL A 46 25.93 7.36 15.80
CA VAL A 46 24.90 6.78 16.72
C VAL A 46 25.28 5.33 17.05
N THR A 47 25.78 4.58 16.08
CA THR A 47 26.21 3.16 16.23
C THR A 47 27.44 3.09 17.15
N GLU A 48 28.40 4.01 16.97
CA GLU A 48 29.60 4.13 17.86
C GLU A 48 29.12 4.35 19.30
N PHE A 49 28.14 5.23 19.51
CA PHE A 49 27.53 5.54 20.82
C PHE A 49 26.86 4.28 21.40
N ALA A 50 26.20 3.49 20.54
CA ALA A 50 25.50 2.24 20.90
C ALA A 50 26.53 1.22 21.41
N LYS A 51 27.66 1.10 20.72
CA LYS A 51 28.78 0.18 21.09
C LYS A 51 29.33 0.58 22.46
N LYS A 52 29.62 1.87 22.66
CA LYS A 52 30.16 2.42 23.93
C LYS A 52 29.20 2.06 25.07
N CYS A 53 27.90 2.29 24.87
CA CYS A 53 26.82 2.04 25.86
C CYS A 53 26.69 0.54 26.13
N ALA A 54 26.79 -0.30 25.09
CA ALA A 54 26.75 -1.77 25.20
C ALA A 54 27.89 -2.26 26.11
N ALA A 55 29.02 -1.56 26.10
CA ALA A 55 30.22 -1.88 26.92
C ALA A 55 30.02 -1.42 28.37
N ASP A 56 29.33 -0.30 28.58
CA ASP A 56 29.09 0.30 29.93
C ASP A 56 27.73 1.02 29.93
N GLU A 57 26.68 0.31 30.33
CA GLU A 57 25.26 0.77 30.23
C GLU A 57 24.99 1.90 31.24
N SER A 58 25.76 1.96 32.34
CA SER A 58 25.59 2.97 33.43
C SER A 58 26.39 4.24 33.13
N ALA A 59 26.97 4.36 31.93
CA ALA A 59 27.71 5.56 31.46
C ALA A 59 26.71 6.69 31.17
N GLU A 60 27.21 7.93 31.10
CA GLU A 60 26.40 9.18 30.93
C GLU A 60 25.70 9.15 29.57
N ASN A 61 24.40 9.48 29.54
CA ASN A 61 23.55 9.70 28.34
C ASN A 61 23.06 8.38 27.72
N CYS A 62 23.55 7.23 28.21
CA CYS A 62 23.18 5.88 27.69
C CYS A 62 21.76 5.50 28.15
N ASP A 63 21.30 6.08 29.25
CA ASP A 63 19.97 5.80 29.87
C ASP A 63 18.87 6.62 29.19
N LYS A 64 19.23 7.59 28.34
CA LYS A 64 18.28 8.46 27.59
C LYS A 64 17.47 7.61 26.59
N SER A 65 16.27 8.09 26.23
CA SER A 65 15.33 7.42 25.30
C SER A 65 15.90 7.46 23.88
N LEU A 66 15.45 6.55 23.01
CA LEU A 66 15.91 6.46 21.60
C LEU A 66 15.51 7.75 20.85
N HIS A 67 14.31 8.26 21.11
CA HIS A 67 13.76 9.50 20.49
C HIS A 67 14.62 10.71 20.90
N THR A 68 14.98 10.80 22.18
CA THR A 68 15.84 11.87 22.74
C THR A 68 17.19 11.86 22.02
N LEU A 69 17.84 10.69 21.99
CA LEU A 69 19.20 10.49 21.41
C LEU A 69 19.15 10.75 19.89
N PHE A 70 18.25 10.05 19.18
CA PHE A 70 18.14 10.08 17.70
C PHE A 70 17.61 11.45 17.23
N GLY A 71 16.65 12.01 17.97
CA GLY A 71 16.08 13.35 17.69
C GLY A 71 17.14 14.43 17.82
N ASP A 72 17.92 14.40 18.90
CA ASP A 72 19.06 15.33 19.14
C ASP A 72 20.08 15.18 18.00
N LYS A 73 20.20 13.96 17.45
CA LYS A 73 21.13 13.65 16.33
C LYS A 73 20.58 14.23 15.03
N LEU A 74 19.30 14.01 14.75
CA LEU A 74 18.63 14.53 13.52
C LEU A 74 18.70 16.06 13.51
N CYS A 75 18.62 16.69 14.68
CA CYS A 75 18.53 18.17 14.85
C CYS A 75 19.92 18.82 14.80
N THR A 76 20.97 18.06 14.50
CA THR A 76 22.33 18.59 14.20
C THR A 76 22.45 18.90 12.71
N VAL A 77 21.41 18.60 11.91
CA VAL A 77 21.36 18.92 10.45
C VAL A 77 19.97 19.44 10.03
N ALA A 78 18.91 19.17 10.80
CA ALA A 78 17.50 19.50 10.47
C ALA A 78 17.19 20.96 10.80
N THR A 79 18.14 21.72 11.34
CA THR A 79 17.99 23.16 11.73
C THR A 79 18.22 24.05 10.50
N LEU A 80 18.78 23.51 9.41
CA LEU A 80 18.91 24.22 8.10
C LEU A 80 17.50 24.42 7.53
N ARG A 81 16.85 25.54 7.88
CA ARG A 81 15.41 25.79 7.55
C ARG A 81 15.22 25.86 6.02
N ALA A 82 16.24 26.31 5.29
CA ALA A 82 16.24 26.41 3.81
C ALA A 82 15.93 25.03 3.20
N THR A 83 16.63 23.99 3.68
CA THR A 83 16.54 22.59 3.14
C THR A 83 15.34 21.87 3.79
N TYR A 84 15.07 22.11 5.07
CA TYR A 84 13.91 21.59 5.83
C TYR A 84 13.19 22.71 6.58
N GLY A 85 11.96 23.03 6.17
CA GLY A 85 11.17 24.11 6.77
C GLY A 85 10.78 23.80 8.21
N GLU A 86 9.69 23.05 8.38
CA GLU A 86 9.03 22.77 9.70
C GLU A 86 9.99 22.02 10.63
N LEU A 87 10.76 21.06 10.10
CA LEU A 87 11.69 20.20 10.91
C LEU A 87 12.53 21.08 11.84
N ALA A 88 12.93 22.27 11.37
CA ALA A 88 13.64 23.29 12.18
C ALA A 88 12.80 23.65 13.40
N ASP A 89 11.50 23.91 13.22
CA ASP A 89 10.53 24.21 14.31
C ASP A 89 10.42 23.01 15.26
N CYS A 90 10.31 21.79 14.73
CA CYS A 90 10.18 20.52 15.51
C CYS A 90 11.37 20.38 16.46
N CYS A 91 12.56 20.82 16.03
CA CYS A 91 13.83 20.69 16.80
C CYS A 91 13.86 21.61 18.03
N GLU A 92 12.98 22.62 18.09
CA GLU A 92 12.81 23.51 19.26
C GLU A 92 12.00 22.79 20.36
N LYS A 93 11.19 21.80 19.99
CA LYS A 93 10.30 21.03 20.92
C LYS A 93 11.11 19.97 21.65
N GLN A 94 10.69 19.63 22.88
CA GLN A 94 11.20 18.46 23.65
C GLN A 94 10.36 17.23 23.28
N GLU A 95 10.74 16.05 23.76
CA GLU A 95 10.01 14.77 23.51
C GLU A 95 8.87 14.65 24.53
N PRO A 96 7.75 13.95 24.21
CA PRO A 96 7.52 13.35 22.90
C PRO A 96 6.91 14.28 21.83
N GLU A 97 6.77 15.58 22.14
CA GLU A 97 6.23 16.59 21.21
C GLU A 97 7.07 16.62 19.93
N ARG A 98 8.40 16.55 20.07
CA ARG A 98 9.36 16.65 18.93
C ARG A 98 9.13 15.47 17.97
N ASN A 99 9.11 14.25 18.50
CA ASN A 99 8.85 13.02 17.72
C ASN A 99 7.51 13.17 16.99
N GLU A 100 6.47 13.60 17.70
CA GLU A 100 5.10 13.79 17.16
C GLU A 100 5.16 14.81 16.01
N CYS A 101 5.93 15.89 16.18
CA CYS A 101 6.13 16.97 15.17
C CYS A 101 6.77 16.40 13.90
N PHE A 102 7.82 15.59 14.05
CA PHE A 102 8.52 14.89 12.93
C PHE A 102 7.53 14.01 12.16
N LEU A 103 6.71 13.23 12.89
CA LEU A 103 5.74 12.25 12.29
C LEU A 103 4.72 12.99 11.44
N THR A 104 4.19 14.10 11.96
CA THR A 104 3.12 14.93 11.33
C THR A 104 3.56 15.42 9.95
N HIS A 105 4.86 15.74 9.81
CA HIS A 105 5.42 16.41 8.60
C HIS A 105 6.27 15.45 7.77
N LYS A 106 5.97 14.14 7.82
CA LYS A 106 6.46 13.12 6.85
C LYS A 106 5.74 13.33 5.52
N ASP A 107 6.50 13.50 4.42
CA ASP A 107 5.97 13.78 3.06
C ASP A 107 5.73 12.44 2.35
N ASP A 108 4.47 12.14 2.01
CA ASP A 108 4.05 10.89 1.33
C ASP A 108 4.39 10.95 -0.16
N HIS A 109 4.28 12.13 -0.77
CA HIS A 109 4.60 12.39 -2.19
C HIS A 109 5.73 13.43 -2.25
N PRO A 110 6.97 13.05 -1.86
CA PRO A 110 8.08 14.02 -1.77
C PRO A 110 8.47 14.59 -3.14
N ASN A 111 8.15 13.87 -4.22
CA ASN A 111 8.35 14.30 -5.63
C ASN A 111 9.86 14.50 -5.86
N LEU A 112 10.65 13.46 -5.57
CA LEU A 112 12.11 13.41 -5.84
C LEU A 112 12.34 12.82 -7.22
N PRO A 113 13.47 13.13 -7.90
CA PRO A 113 13.75 12.56 -9.22
C PRO A 113 13.64 11.02 -9.20
N LYS A 114 12.88 10.47 -10.15
CA LYS A 114 12.72 8.99 -10.33
C LYS A 114 14.08 8.41 -10.75
N LEU A 115 14.52 7.36 -10.05
CA LEU A 115 15.87 6.75 -10.23
C LEU A 115 15.81 5.61 -11.24
N LYS A 116 16.51 5.78 -12.38
CA LYS A 116 16.71 4.74 -13.43
C LYS A 116 18.08 4.09 -13.22
N PRO A 117 18.18 2.74 -13.26
CA PRO A 117 19.46 2.07 -13.02
C PRO A 117 20.52 2.34 -14.09
N GLU A 118 21.77 2.56 -13.66
CA GLU A 118 22.98 2.66 -14.52
C GLU A 118 23.81 1.39 -14.34
N PRO A 119 23.50 0.30 -15.08
CA PRO A 119 24.01 -1.04 -14.75
C PRO A 119 25.54 -1.15 -14.59
N ASP A 120 26.31 -0.52 -15.48
CA ASP A 120 27.79 -0.57 -15.48
C ASP A 120 28.32 0.28 -14.31
N ALA A 121 27.82 1.51 -14.18
CA ALA A 121 28.20 2.48 -13.12
C ALA A 121 27.85 1.90 -11.75
N GLN A 122 26.70 1.24 -11.63
CA GLN A 122 26.18 0.64 -10.37
C GLN A 122 27.03 -0.58 -9.99
N CYS A 123 27.25 -1.51 -10.93
CA CYS A 123 28.05 -2.76 -10.74
C CYS A 123 29.46 -2.41 -10.25
N ALA A 124 30.06 -1.35 -10.82
CA ALA A 124 31.39 -0.82 -10.40
C ALA A 124 31.35 -0.40 -8.93
N ALA A 125 30.32 0.38 -8.55
CA ALA A 125 30.15 0.95 -7.19
C ALA A 125 29.85 -0.16 -6.17
N PHE A 126 29.11 -1.19 -6.57
CA PHE A 126 28.77 -2.38 -5.74
C PHE A 126 30.04 -3.12 -5.34
N GLN A 127 30.91 -3.38 -6.32
CA GLN A 127 32.19 -4.12 -6.16
C GLN A 127 33.18 -3.29 -5.33
N GLU A 128 33.20 -1.97 -5.56
CA GLU A 128 34.13 -1.02 -4.87
C GLU A 128 33.79 -0.92 -3.38
N ASP A 129 32.52 -0.64 -3.05
CA ASP A 129 32.05 -0.42 -1.66
C ASP A 129 30.61 -0.95 -1.53
N PRO A 130 30.42 -2.26 -1.32
CA PRO A 130 29.07 -2.84 -1.26
C PRO A 130 28.18 -2.25 -0.15
N ASP A 131 28.76 -1.95 1.02
CA ASP A 131 28.04 -1.37 2.19
C ASP A 131 27.46 0.00 1.82
N LYS A 132 28.26 0.85 1.16
CA LYS A 132 27.86 2.21 0.70
C LYS A 132 26.73 2.10 -0.34
N PHE A 133 26.87 1.15 -1.28
CA PHE A 133 25.93 0.93 -2.40
C PHE A 133 24.56 0.47 -1.86
N LEU A 134 24.55 -0.54 -0.99
CA LEU A 134 23.32 -1.12 -0.38
C LEU A 134 22.71 -0.09 0.58
N GLY A 135 23.55 0.65 1.31
CA GLY A 135 23.14 1.81 2.13
C GLY A 135 22.38 2.83 1.29
N LYS A 136 22.87 3.10 0.07
CA LYS A 136 22.28 4.08 -0.87
C LYS A 136 20.86 3.61 -1.25
N TYR A 137 20.68 2.30 -1.49
CA TYR A 137 19.39 1.68 -1.84
C TYR A 137 18.37 1.92 -0.71
N LEU A 138 18.69 1.46 0.50
CA LEU A 138 17.85 1.67 1.72
C LEU A 138 17.44 3.15 1.79
N TYR A 139 18.43 4.04 1.70
CA TYR A 139 18.26 5.52 1.76
C TYR A 139 17.25 5.97 0.69
N GLU A 140 17.48 5.61 -0.57
CA GLU A 140 16.70 6.13 -1.74
C GLU A 140 15.26 5.63 -1.64
N VAL A 141 15.04 4.37 -1.26
CA VAL A 141 13.68 3.76 -1.14
C VAL A 141 12.98 4.36 0.09
N ALA A 142 13.70 4.49 1.20
CA ALA A 142 13.16 4.94 2.51
C ALA A 142 12.58 6.35 2.41
N ARG A 143 13.30 7.30 1.79
CA ARG A 143 12.86 8.72 1.72
C ARG A 143 11.71 8.86 0.70
N ARG A 144 11.61 7.95 -0.26
CA ARG A 144 10.51 7.89 -1.26
C ARG A 144 9.28 7.23 -0.64
N HIS A 145 9.47 6.40 0.40
CA HIS A 145 8.41 5.61 1.09
C HIS A 145 8.60 5.74 2.60
N PRO A 146 8.19 6.87 3.21
CA PRO A 146 8.53 7.16 4.61
C PRO A 146 7.79 6.32 5.67
N TYR A 147 6.78 5.54 5.28
CA TYR A 147 6.07 4.59 6.17
C TYR A 147 6.38 3.15 5.79
N PHE A 148 7.35 2.93 4.89
CA PHE A 148 7.80 1.57 4.48
C PHE A 148 8.19 0.80 5.74
N TYR A 149 7.72 -0.44 5.84
CA TYR A 149 7.99 -1.42 6.93
C TYR A 149 9.51 -1.66 6.99
N GLY A 150 10.18 -1.08 8.00
CA GLY A 150 11.64 -1.05 8.14
C GLY A 150 12.31 -2.40 7.86
N PRO A 151 11.99 -3.46 8.64
CA PRO A 151 12.61 -4.78 8.46
C PRO A 151 12.39 -5.40 7.07
N GLU A 152 11.28 -5.07 6.41
CA GLU A 152 10.97 -5.56 5.03
C GLU A 152 11.87 -4.84 4.02
N LEU A 153 12.28 -3.60 4.29
CA LEU A 153 13.20 -2.84 3.40
C LEU A 153 14.60 -3.45 3.46
N LEU A 154 15.02 -3.93 4.63
CA LEU A 154 16.29 -4.69 4.80
C LEU A 154 16.21 -5.99 3.98
N PHE A 155 15.09 -6.70 4.06
CA PHE A 155 14.84 -7.94 3.27
C PHE A 155 15.02 -7.65 1.78
N HIS A 156 14.36 -6.60 1.28
CA HIS A 156 14.37 -6.19 -0.16
C HIS A 156 15.77 -5.71 -0.55
N ALA A 157 16.52 -5.11 0.38
CA ALA A 157 17.93 -4.68 0.18
C ALA A 157 18.82 -5.91 -0.07
N GLU A 158 18.55 -7.03 0.60
CA GLU A 158 19.29 -8.31 0.43
C GLU A 158 18.96 -8.91 -0.94
N GLU A 159 17.72 -8.76 -1.41
CA GLU A 159 17.29 -9.16 -2.78
C GLU A 159 18.02 -8.31 -3.81
N TYR A 160 18.13 -7.01 -3.55
CA TYR A 160 18.86 -6.00 -4.38
C TYR A 160 20.34 -6.42 -4.49
N LYS A 161 20.93 -6.83 -3.37
CA LYS A 161 22.32 -7.38 -3.28
C LYS A 161 22.42 -8.66 -4.12
N ALA A 162 21.44 -9.58 -3.96
CA ALA A 162 21.40 -10.90 -4.64
C ALA A 162 21.40 -10.71 -6.16
N ASP A 163 20.69 -9.69 -6.65
CA ASP A 163 20.57 -9.36 -8.10
C ASP A 163 21.94 -8.96 -8.65
N PHE A 164 22.54 -7.90 -8.09
CA PHE A 164 23.84 -7.32 -8.52
C PHE A 164 24.95 -8.37 -8.38
N THR A 165 24.92 -9.17 -7.31
CA THR A 165 25.90 -10.27 -7.03
C THR A 165 25.91 -11.26 -8.20
N GLU A 166 24.73 -11.62 -8.71
CA GLU A 166 24.53 -12.71 -9.70
C GLU A 166 24.87 -12.21 -11.11
N CYS A 167 24.58 -10.94 -11.40
CA CYS A 167 24.53 -10.38 -12.78
C CYS A 167 25.79 -9.59 -13.15
N CYS A 168 26.42 -8.89 -12.18
CA CYS A 168 27.66 -8.09 -12.41
C CYS A 168 28.76 -8.98 -12.99
N PRO A 169 29.00 -10.20 -12.46
CA PRO A 169 30.03 -11.10 -13.01
C PRO A 169 29.73 -11.66 -14.41
N ALA A 170 28.48 -11.58 -14.87
CA ALA A 170 28.03 -12.04 -16.21
C ALA A 170 28.57 -11.09 -17.29
N ASP A 171 28.47 -11.50 -18.56
CA ASP A 171 29.03 -10.77 -19.72
C ASP A 171 28.12 -9.59 -20.08
N ASP A 172 26.80 -9.79 -20.06
CA ASP A 172 25.79 -8.71 -20.26
C ASP A 172 25.14 -8.41 -18.90
N LYS A 173 25.50 -7.26 -18.31
CA LYS A 173 24.97 -6.79 -17.00
C LYS A 173 23.58 -6.20 -17.23
N LEU A 174 23.40 -5.45 -18.32
CA LEU A 174 22.23 -4.56 -18.55
C LEU A 174 20.92 -5.37 -18.59
N ALA A 175 20.88 -6.44 -19.39
CA ALA A 175 19.65 -7.24 -19.67
C ALA A 175 19.45 -8.33 -18.61
N CYS A 176 20.49 -8.65 -17.83
CA CYS A 176 20.41 -9.53 -16.62
C CYS A 176 19.65 -8.78 -15.50
N LEU A 177 20.04 -7.52 -15.27
CA LEU A 177 19.57 -6.66 -14.14
C LEU A 177 18.12 -6.22 -14.37
N ILE A 178 17.85 -5.59 -15.52
CA ILE A 178 16.59 -4.83 -15.81
C ILE A 178 15.37 -5.64 -15.37
N PRO A 179 15.21 -6.91 -15.80
CA PRO A 179 14.04 -7.70 -15.41
C PRO A 179 13.92 -7.85 -13.88
N LYS A 180 15.04 -8.06 -13.21
CA LYS A 180 15.11 -8.30 -11.73
C LYS A 180 14.80 -7.00 -10.98
N LEU A 181 15.38 -5.88 -11.40
CA LEU A 181 15.19 -4.55 -10.74
C LEU A 181 13.77 -4.03 -11.02
N ASP A 182 13.24 -4.29 -12.23
CA ASP A 182 11.84 -3.95 -12.61
C ASP A 182 10.87 -4.80 -11.75
N ALA A 183 11.18 -6.10 -11.59
CA ALA A 183 10.42 -7.03 -10.73
C ALA A 183 10.45 -6.55 -9.28
N LEU A 184 11.64 -6.22 -8.77
CA LEU A 184 11.87 -5.73 -7.38
C LEU A 184 11.10 -4.42 -7.14
N LYS A 185 11.10 -3.52 -8.12
CA LYS A 185 10.38 -2.22 -8.06
C LYS A 185 8.89 -2.48 -7.82
N GLU A 186 8.30 -3.44 -8.54
CA GLU A 186 6.86 -3.82 -8.41
C GLU A 186 6.59 -4.27 -6.96
N ARG A 187 7.47 -5.10 -6.41
CA ARG A 187 7.34 -5.66 -5.02
C ARG A 187 7.46 -4.52 -4.00
N ILE A 188 8.38 -3.58 -4.22
CA ILE A 188 8.57 -2.37 -3.35
C ILE A 188 7.26 -1.55 -3.35
N LEU A 189 6.63 -1.39 -4.53
CA LEU A 189 5.38 -0.59 -4.68
C LEU A 189 4.25 -1.25 -3.90
N LEU A 190 4.03 -2.56 -4.13
CA LEU A 190 2.95 -3.35 -3.46
C LEU A 190 3.16 -3.33 -1.94
N SER A 191 4.39 -3.63 -1.50
CA SER A 191 4.79 -3.73 -0.07
C SER A 191 4.54 -2.40 0.65
N SER A 192 4.95 -1.29 0.02
CA SER A 192 4.77 0.09 0.55
C SER A 192 3.27 0.37 0.75
N ALA A 193 2.46 0.07 -0.27
CA ALA A 193 0.99 0.26 -0.26
C ALA A 193 0.37 -0.58 0.87
N LYS A 194 0.80 -1.83 1.02
CA LYS A 194 0.32 -2.76 2.09
C LYS A 194 0.54 -2.11 3.46
N GLU A 195 1.76 -1.63 3.73
CA GLU A 195 2.14 -1.07 5.06
C GLU A 195 1.46 0.28 5.27
N ARG A 196 1.29 1.08 4.21
CA ARG A 196 0.72 2.44 4.30
C ARG A 196 -0.75 2.37 4.74
N LEU A 197 -1.49 1.36 4.27
CA LEU A 197 -2.89 1.09 4.68
C LEU A 197 -2.93 0.83 6.19
N LYS A 198 -1.98 0.06 6.71
CA LYS A 198 -1.88 -0.27 8.17
C LYS A 198 -1.68 1.03 8.97
N CYS A 199 -0.72 1.86 8.55
CA CYS A 199 -0.42 3.17 9.22
C CYS A 199 -1.63 4.10 9.06
N SER A 200 -2.23 4.16 7.87
CA SER A 200 -3.46 4.93 7.57
C SER A 200 -4.59 4.49 8.51
N SER A 201 -4.71 3.18 8.76
CA SER A 201 -5.74 2.57 9.63
C SER A 201 -5.55 3.02 11.08
N PHE A 202 -4.29 3.02 11.56
CA PHE A 202 -3.92 3.53 12.91
C PHE A 202 -4.27 5.02 13.00
N GLN A 203 -3.84 5.79 11.99
CA GLN A 203 -3.97 7.27 11.94
C GLN A 203 -5.43 7.69 11.92
N ASN A 204 -6.25 7.08 11.05
CA ASN A 204 -7.64 7.52 10.77
C ASN A 204 -8.62 6.82 11.72
N PHE A 205 -8.49 5.51 11.91
CA PHE A 205 -9.55 4.63 12.49
C PHE A 205 -9.14 4.08 13.87
N GLY A 206 -7.84 3.88 14.13
CA GLY A 206 -7.32 3.46 15.44
C GLY A 206 -7.00 1.98 15.50
N GLU A 207 -6.64 1.49 16.69
CA GLU A 207 -6.14 0.11 16.96
C GLU A 207 -7.22 -0.94 16.65
N ARG A 208 -8.46 -0.70 17.08
CA ARG A 208 -9.59 -1.66 16.95
C ARG A 208 -9.78 -2.05 15.48
N ALA A 209 -9.66 -1.07 14.57
CA ALA A 209 -9.77 -1.25 13.11
C ALA A 209 -8.63 -2.14 12.60
N VAL A 210 -7.40 -1.89 13.06
CA VAL A 210 -6.18 -2.67 12.67
C VAL A 210 -6.32 -4.12 13.16
N LYS A 211 -6.75 -4.31 14.41
CA LYS A 211 -6.92 -5.65 15.03
C LYS A 211 -7.99 -6.42 14.26
N ALA A 212 -9.16 -5.80 14.07
CA ALA A 212 -10.29 -6.36 13.29
C ALA A 212 -9.76 -6.85 11.93
N TRP A 213 -9.02 -5.99 11.21
CA TRP A 213 -8.45 -6.29 9.87
C TRP A 213 -7.54 -7.53 9.96
N SER A 214 -6.68 -7.59 10.97
CA SER A 214 -5.71 -8.69 11.19
C SER A 214 -6.45 -9.99 11.54
N VAL A 215 -7.40 -9.92 12.48
CA VAL A 215 -8.23 -11.10 12.89
C VAL A 215 -8.78 -11.76 11.62
N ALA A 216 -9.38 -10.96 10.73
CA ALA A 216 -10.00 -11.43 9.46
C ALA A 216 -8.94 -12.09 8.57
N ARG A 217 -7.80 -11.43 8.37
CA ARG A 217 -6.76 -11.86 7.40
C ARG A 217 -6.05 -13.12 7.92
N LEU A 218 -5.68 -13.13 9.22
CA LEU A 218 -4.92 -14.25 9.85
C LEU A 218 -5.83 -15.47 10.04
N SER A 219 -7.13 -15.25 10.28
CA SER A 219 -8.15 -16.33 10.40
C SER A 219 -8.27 -17.06 9.05
N GLN A 220 -8.27 -16.31 7.94
CA GLN A 220 -8.24 -16.86 6.57
C GLN A 220 -6.95 -17.66 6.36
N LYS A 221 -5.81 -17.10 6.78
CA LYS A 221 -4.46 -17.68 6.55
C LYS A 221 -4.28 -18.95 7.40
N PHE A 222 -4.76 -18.92 8.65
CA PHE A 222 -4.55 -19.97 9.67
C PHE A 222 -5.87 -20.54 10.19
N PRO A 223 -6.68 -21.18 9.32
CA PRO A 223 -7.99 -21.71 9.76
C PRO A 223 -7.86 -22.84 10.80
N LYS A 224 -6.74 -23.57 10.83
CA LYS A 224 -6.52 -24.69 11.79
C LYS A 224 -6.33 -24.13 13.21
N ALA A 225 -5.85 -22.88 13.33
CA ALA A 225 -5.54 -22.21 14.61
C ALA A 225 -6.83 -21.84 15.34
N ASP A 226 -6.88 -22.07 16.66
CA ASP A 226 -8.05 -21.72 17.53
C ASP A 226 -8.04 -20.21 17.79
N PHE A 227 -9.17 -19.67 18.27
CA PHE A 227 -9.39 -18.21 18.48
C PHE A 227 -8.31 -17.64 19.41
N ALA A 228 -7.91 -18.41 20.41
CA ALA A 228 -6.86 -18.04 21.40
C ALA A 228 -5.57 -17.65 20.67
N GLU A 229 -5.15 -18.48 19.71
CA GLU A 229 -3.84 -18.38 19.02
C GLU A 229 -3.84 -17.16 18.09
N VAL A 230 -4.93 -16.92 17.36
CA VAL A 230 -5.08 -15.78 16.42
C VAL A 230 -5.07 -14.48 17.23
N SER A 231 -5.80 -14.44 18.35
CA SER A 231 -5.89 -13.27 19.28
C SER A 231 -4.47 -12.90 19.75
N LYS A 232 -3.71 -13.90 20.17
CA LYS A 232 -2.29 -13.78 20.62
C LYS A 232 -1.47 -13.13 19.50
N ILE A 233 -1.50 -13.73 18.29
CA ILE A 233 -0.68 -13.28 17.12
C ILE A 233 -1.11 -11.86 16.72
N VAL A 234 -2.41 -11.60 16.68
CA VAL A 234 -3.01 -10.28 16.29
C VAL A 234 -2.55 -9.21 17.29
N THR A 235 -2.59 -9.51 18.59
CA THR A 235 -2.17 -8.58 19.67
C THR A 235 -0.69 -8.20 19.46
N ASP A 236 0.17 -9.19 19.24
CA ASP A 236 1.62 -9.00 19.03
C ASP A 236 1.87 -8.27 17.71
N LEU A 237 1.22 -8.70 16.63
CA LEU A 237 1.40 -8.13 15.27
C LEU A 237 0.96 -6.66 15.26
N THR A 238 -0.10 -6.32 15.98
CA THR A 238 -0.66 -4.95 16.06
C THR A 238 0.35 -4.03 16.77
N LYS A 239 0.98 -4.53 17.83
CA LYS A 239 2.03 -3.78 18.59
C LYS A 239 3.24 -3.53 17.68
N VAL A 240 3.64 -4.53 16.90
CA VAL A 240 4.77 -4.44 15.92
C VAL A 240 4.48 -3.29 14.95
N HIS A 241 3.33 -3.32 14.27
CA HIS A 241 2.96 -2.36 13.20
C HIS A 241 2.68 -0.99 13.80
N LYS A 242 2.17 -0.94 15.04
CA LYS A 242 1.92 0.31 15.81
C LYS A 242 3.28 0.99 16.07
N GLU A 243 4.31 0.21 16.40
CA GLU A 243 5.68 0.72 16.68
C GLU A 243 6.32 1.23 15.39
N CYS A 244 6.25 0.45 14.30
CA CYS A 244 6.88 0.76 12.98
C CYS A 244 6.26 2.03 12.38
N CYS A 245 4.93 2.15 12.45
CA CYS A 245 4.16 3.32 11.92
C CYS A 245 4.45 4.59 12.74
N HIS A 246 4.87 4.43 14.01
CA HIS A 246 5.10 5.58 14.92
CA HIS A 246 5.10 5.53 14.98
C HIS A 246 6.60 5.86 15.04
N GLY A 247 7.40 5.28 14.15
CA GLY A 247 8.83 5.60 13.95
C GLY A 247 9.77 4.86 14.89
N ASP A 248 9.23 3.94 15.69
CA ASP A 248 10.01 3.14 16.69
C ASP A 248 10.54 1.88 15.99
N LEU A 249 11.49 2.06 15.06
CA LEU A 249 11.92 1.02 14.09
C LEU A 249 12.74 -0.09 14.77
N LEU A 250 13.62 0.27 15.71
CA LEU A 250 14.48 -0.71 16.44
C LEU A 250 13.57 -1.59 17.32
N GLU A 251 12.59 -0.96 17.97
CA GLU A 251 11.58 -1.61 18.84
C GLU A 251 10.72 -2.55 17.97
N CYS A 252 10.21 -2.02 16.85
CA CYS A 252 9.39 -2.73 15.82
C CYS A 252 10.11 -4.00 15.34
N ALA A 253 11.36 -3.86 14.89
CA ALA A 253 12.18 -4.95 14.30
C ALA A 253 12.42 -6.06 15.34
N ASP A 254 12.70 -5.67 16.58
CA ASP A 254 13.00 -6.61 17.69
C ASP A 254 11.74 -7.43 18.01
N ASP A 255 10.58 -6.78 18.10
CA ASP A 255 9.28 -7.42 18.46
C ASP A 255 8.81 -8.30 17.30
N ARG A 256 9.13 -7.93 16.05
CA ARG A 256 8.76 -8.71 14.84
C ARG A 256 9.53 -10.04 14.84
N ALA A 257 10.82 -9.98 15.17
CA ALA A 257 11.71 -11.17 15.29
C ALA A 257 11.16 -12.10 16.37
N ASP A 258 10.74 -11.55 17.52
CA ASP A 258 10.11 -12.30 18.63
C ASP A 258 8.86 -13.04 18.12
N LEU A 259 8.05 -12.39 17.29
CA LEU A 259 6.77 -12.95 16.77
C LEU A 259 7.06 -14.08 15.76
N ALA A 260 8.01 -13.87 14.85
CA ALA A 260 8.47 -14.87 13.87
C ALA A 260 8.95 -16.14 14.61
N LYS A 261 9.72 -15.95 15.68
CA LYS A 261 10.23 -17.04 16.55
C LYS A 261 9.04 -17.83 17.12
N TYR A 262 8.10 -17.13 17.75
CA TYR A 262 6.93 -17.73 18.43
C TYR A 262 6.10 -18.55 17.43
N ILE A 263 5.76 -17.95 16.28
CA ILE A 263 4.96 -18.61 15.22
C ILE A 263 5.65 -19.92 14.80
N CYS A 264 6.96 -19.88 14.61
CA CYS A 264 7.77 -21.02 14.09
C CYS A 264 7.94 -22.12 15.16
N GLU A 265 7.97 -21.74 16.43
CA GLU A 265 8.07 -22.71 17.57
C GLU A 265 6.71 -23.39 17.79
N HIS A 266 5.60 -22.75 17.38
CA HIS A 266 4.22 -23.18 17.66
C HIS A 266 3.45 -23.44 16.36
N GLN A 267 4.15 -23.82 15.28
CA GLN A 267 3.54 -23.91 13.92
C GLN A 267 2.61 -25.12 13.83
N ASP A 268 2.70 -26.09 14.75
CA ASP A 268 1.79 -27.27 14.80
C ASP A 268 0.35 -26.83 15.10
N SER A 269 0.17 -25.77 15.90
CA SER A 269 -1.15 -25.22 16.30
C SER A 269 -1.45 -23.90 15.57
N ILE A 270 -0.81 -23.65 14.42
CA ILE A 270 -1.02 -22.42 13.61
C ILE A 270 -1.29 -22.79 12.15
N SER A 271 -0.36 -23.50 11.49
CA SER A 271 -0.49 -23.89 10.06
C SER A 271 0.59 -24.90 9.65
N GLY A 272 0.23 -25.81 8.75
CA GLY A 272 1.15 -26.79 8.14
C GLY A 272 1.84 -26.25 6.90
N LYS A 273 1.71 -24.94 6.65
CA LYS A 273 2.30 -24.24 5.47
C LYS A 273 3.56 -23.47 5.88
N LEU A 274 3.93 -23.53 7.17
CA LEU A 274 4.99 -22.69 7.78
C LEU A 274 6.34 -23.43 7.84
N LYS A 275 6.36 -24.72 7.49
CA LYS A 275 7.57 -25.59 7.65
C LYS A 275 8.72 -25.02 6.81
N ALA A 276 8.45 -24.71 5.54
CA ALA A 276 9.42 -24.14 4.57
C ALA A 276 9.95 -22.78 5.09
N CYS A 277 9.04 -21.91 5.53
CA CYS A 277 9.34 -20.52 6.00
C CYS A 277 10.31 -20.53 7.19
N CYS A 278 10.16 -21.50 8.09
CA CYS A 278 10.76 -21.50 9.45
C CYS A 278 12.17 -22.11 9.45
N ASP A 279 12.71 -22.46 8.28
CA ASP A 279 14.11 -22.96 8.11
C ASP A 279 14.98 -21.89 7.45
N LYS A 280 14.63 -20.61 7.60
CA LYS A 280 15.31 -19.49 6.89
C LYS A 280 15.92 -18.52 7.90
N PRO A 281 16.90 -17.69 7.47
CA PRO A 281 17.42 -16.62 8.32
C PRO A 281 16.34 -15.57 8.64
N LEU A 282 16.61 -14.74 9.64
CA LEU A 282 15.64 -13.85 10.35
C LEU A 282 14.74 -13.11 9.34
N LEU A 283 15.31 -12.28 8.46
CA LEU A 283 14.56 -11.39 7.53
C LEU A 283 13.71 -12.24 6.57
N GLN A 284 14.28 -13.30 6.00
CA GLN A 284 13.60 -14.19 5.01
C GLN A 284 12.46 -14.95 5.71
N LYS A 285 12.68 -15.37 6.96
CA LYS A 285 11.69 -16.12 7.78
C LYS A 285 10.44 -15.26 7.99
N SER A 286 10.62 -14.06 8.53
CA SER A 286 9.53 -13.08 8.81
C SER A 286 8.76 -12.79 7.53
N HIS A 287 9.46 -12.54 6.42
CA HIS A 287 8.88 -12.23 5.08
C HIS A 287 8.02 -13.41 4.60
N CYS A 288 8.55 -14.63 4.69
CA CYS A 288 7.87 -15.87 4.24
C CYS A 288 6.55 -16.06 5.00
N ILE A 289 6.56 -15.86 6.32
CA ILE A 289 5.36 -15.96 7.20
C ILE A 289 4.32 -14.92 6.72
N ALA A 290 4.76 -13.67 6.56
CA ALA A 290 3.91 -12.52 6.13
C ALA A 290 3.18 -12.85 4.82
N GLU A 291 3.80 -13.63 3.94
CA GLU A 291 3.30 -13.92 2.56
C GLU A 291 2.80 -15.37 2.43
N VAL A 292 2.83 -16.16 3.52
CA VAL A 292 2.48 -17.61 3.51
C VAL A 292 1.07 -17.77 2.92
N LYS A 293 0.86 -18.79 2.08
CA LYS A 293 -0.46 -19.08 1.48
C LYS A 293 -1.42 -19.60 2.56
N GLU A 294 -2.72 -19.55 2.28
CA GLU A 294 -3.79 -19.99 3.21
C GLU A 294 -3.68 -21.51 3.41
N ASP A 295 -3.85 -21.98 4.65
CA ASP A 295 -3.83 -23.42 4.99
C ASP A 295 -5.12 -24.06 4.46
N ASP A 296 -5.13 -25.39 4.33
CA ASP A 296 -6.34 -26.17 3.95
C ASP A 296 -7.41 -25.96 5.02
N LEU A 297 -8.69 -25.97 4.63
CA LEU A 297 -9.82 -25.83 5.60
C LEU A 297 -9.84 -27.06 6.50
N PRO A 298 -9.95 -26.89 7.84
CA PRO A 298 -10.17 -28.02 8.74
C PRO A 298 -11.54 -28.66 8.46
N SER A 299 -11.65 -29.96 8.74
CA SER A 299 -12.87 -30.78 8.46
C SER A 299 -13.93 -30.55 9.54
N ASP A 300 -13.57 -29.91 10.66
CA ASP A 300 -14.43 -29.78 11.87
C ASP A 300 -14.83 -28.30 12.06
N LEU A 301 -14.94 -27.54 10.97
CA LEU A 301 -15.49 -26.16 11.00
C LEU A 301 -16.94 -26.23 11.49
N PRO A 302 -17.35 -25.40 12.48
CA PRO A 302 -18.69 -25.48 13.03
C PRO A 302 -19.77 -24.83 12.17
N ALA A 303 -21.03 -25.14 12.45
CA ALA A 303 -22.24 -24.46 11.92
C ALA A 303 -22.37 -23.11 12.64
N LEU A 304 -22.34 -22.01 11.89
CA LEU A 304 -22.35 -20.63 12.44
C LEU A 304 -23.78 -20.19 12.74
N ALA A 305 -24.74 -20.57 11.89
CA ALA A 305 -26.17 -20.20 11.98
C ALA A 305 -26.73 -20.54 13.36
N ALA A 306 -26.45 -21.75 13.85
CA ALA A 306 -26.91 -22.28 15.16
C ALA A 306 -26.35 -21.40 16.29
N ASP A 307 -25.08 -21.00 16.18
CA ASP A 307 -24.33 -20.27 17.25
C ASP A 307 -24.66 -18.77 17.20
N PHE A 308 -24.84 -18.18 16.01
CA PHE A 308 -24.82 -16.70 15.81
C PHE A 308 -26.14 -16.15 15.28
N ALA A 309 -27.12 -17.00 14.94
CA ALA A 309 -28.46 -16.57 14.47
C ALA A 309 -29.59 -17.23 15.28
N GLU A 310 -29.43 -18.47 15.71
CA GLU A 310 -30.54 -19.30 16.28
C GLU A 310 -30.52 -19.29 17.81
N ASP A 311 -29.34 -19.23 18.44
CA ASP A 311 -29.18 -19.23 19.92
C ASP A 311 -30.09 -18.13 20.50
N LYS A 312 -30.93 -18.49 21.47
CA LYS A 312 -32.06 -17.66 21.97
C LYS A 312 -31.58 -16.57 22.94
N GLU A 313 -30.33 -16.66 23.40
CA GLU A 313 -29.76 -15.75 24.45
C GLU A 313 -28.50 -15.05 23.92
N ILE A 314 -28.42 -14.81 22.61
CA ILE A 314 -27.23 -14.17 21.95
C ILE A 314 -27.04 -12.76 22.51
N CYS A 315 -28.12 -12.02 22.75
CA CYS A 315 -28.10 -10.62 23.25
C CYS A 315 -27.37 -10.54 24.60
N LYS A 316 -27.59 -11.52 25.49
CA LYS A 316 -26.84 -11.63 26.76
C LYS A 316 -25.36 -11.80 26.46
N HIS A 317 -25.01 -12.75 25.58
CA HIS A 317 -23.60 -13.09 25.28
CA HIS A 317 -23.61 -13.11 25.22
C HIS A 317 -22.89 -11.88 24.66
N TYR A 318 -23.62 -11.08 23.89
CA TYR A 318 -23.13 -9.84 23.22
C TYR A 318 -22.83 -8.78 24.28
N LYS A 319 -23.85 -8.43 25.08
CA LYS A 319 -23.75 -7.42 26.18
C LYS A 319 -22.58 -7.75 27.10
N ASP A 320 -22.47 -9.02 27.55
CA ASP A 320 -21.43 -9.52 28.47
C ASP A 320 -20.04 -9.04 28.03
N ALA A 321 -19.67 -9.34 26.78
CA ALA A 321 -18.39 -8.97 26.14
C ALA A 321 -18.59 -8.82 24.63
N LYS A 322 -18.76 -7.58 24.16
CA LYS A 322 -19.16 -7.26 22.77
C LYS A 322 -18.01 -7.62 21.81
N ASP A 323 -16.85 -6.99 21.99
CA ASP A 323 -15.67 -7.14 21.09
C ASP A 323 -15.23 -8.60 21.05
N VAL A 324 -15.35 -9.32 22.18
CA VAL A 324 -15.01 -10.77 22.30
C VAL A 324 -15.96 -11.58 21.42
N PHE A 325 -17.27 -11.37 21.56
CA PHE A 325 -18.33 -12.08 20.80
C PHE A 325 -18.19 -11.76 19.30
N LEU A 326 -18.00 -10.47 18.95
CA LEU A 326 -17.82 -10.00 17.55
C LEU A 326 -16.51 -10.52 16.97
N GLY A 327 -15.43 -10.48 17.76
CA GLY A 327 -14.13 -11.04 17.37
C GLY A 327 -14.26 -12.51 17.02
N THR A 328 -15.00 -13.26 17.85
CA THR A 328 -15.28 -14.72 17.67
C THR A 328 -16.04 -14.93 16.35
N PHE A 329 -17.09 -14.15 16.09
CA PHE A 329 -17.87 -14.21 14.83
C PHE A 329 -16.93 -13.95 13.65
N LEU A 330 -16.15 -12.88 13.72
CA LEU A 330 -15.22 -12.46 12.63
C LEU A 330 -14.19 -13.58 12.38
N TYR A 331 -13.64 -14.15 13.45
CA TYR A 331 -12.71 -15.31 13.41
C TYR A 331 -13.38 -16.47 12.67
N GLU A 332 -14.59 -16.86 13.10
CA GLU A 332 -15.30 -18.07 12.59
C GLU A 332 -15.70 -17.83 11.13
N TYR A 333 -16.29 -16.68 10.83
CA TYR A 333 -16.78 -16.34 9.46
C TYR A 333 -15.58 -16.23 8.51
N SER A 334 -14.48 -15.66 8.98
CA SER A 334 -13.24 -15.43 8.17
C SER A 334 -12.59 -16.77 7.81
N ARG A 335 -12.45 -17.68 8.79
CA ARG A 335 -11.89 -19.04 8.62
C ARG A 335 -12.51 -19.74 7.41
N ARG A 336 -13.85 -19.72 7.34
CA ARG A 336 -14.63 -20.59 6.40
C ARG A 336 -14.83 -19.89 5.06
N HIS A 337 -14.40 -18.63 4.95
CA HIS A 337 -14.51 -17.81 3.70
C HIS A 337 -13.14 -17.28 3.30
N PRO A 338 -12.22 -18.15 2.85
CA PRO A 338 -10.93 -17.71 2.32
C PRO A 338 -11.06 -17.03 0.94
N ASP A 339 -12.22 -17.19 0.30
CA ASP A 339 -12.53 -16.70 -1.06
C ASP A 339 -13.05 -15.25 -1.00
N TYR A 340 -13.24 -14.70 0.21
CA TYR A 340 -13.73 -13.31 0.45
C TYR A 340 -12.54 -12.37 0.67
N SER A 341 -12.71 -11.09 0.32
CA SER A 341 -11.76 -9.99 0.62
C SER A 341 -11.90 -9.62 2.09
N VAL A 342 -10.84 -9.02 2.67
CA VAL A 342 -10.82 -8.62 4.11
C VAL A 342 -11.90 -7.54 4.35
N SER A 343 -11.99 -6.55 3.48
CA SER A 343 -12.98 -5.44 3.60
C SER A 343 -14.40 -6.01 3.57
N LEU A 344 -14.66 -7.05 2.77
CA LEU A 344 -15.99 -7.71 2.68
C LEU A 344 -16.31 -8.40 4.01
N LEU A 345 -15.33 -9.06 4.62
CA LEU A 345 -15.48 -9.75 5.92
C LEU A 345 -15.79 -8.71 7.01
N LEU A 346 -15.12 -7.56 6.99
CA LEU A 346 -15.31 -6.47 7.99
C LEU A 346 -16.68 -5.81 7.78
N ARG A 347 -17.14 -5.72 6.53
CA ARG A 347 -18.48 -5.17 6.18
C ARG A 347 -19.55 -6.10 6.75
N ILE A 348 -19.38 -7.42 6.59
CA ILE A 348 -20.30 -8.48 7.10
C ILE A 348 -20.33 -8.42 8.63
N ALA A 349 -19.17 -8.38 9.27
CA ALA A 349 -19.01 -8.26 10.75
C ALA A 349 -19.74 -7.01 11.24
N LYS A 350 -19.57 -5.88 10.55
CA LYS A 350 -20.18 -4.56 10.87
C LYS A 350 -21.72 -4.66 10.76
N THR A 351 -22.21 -5.39 9.76
CA THR A 351 -23.64 -5.64 9.51
C THR A 351 -24.21 -6.50 10.65
N TYR A 352 -23.47 -7.54 11.06
CA TYR A 352 -23.83 -8.44 12.18
C TYR A 352 -23.95 -7.62 13.47
N GLU A 353 -22.94 -6.81 13.77
CA GLU A 353 -22.92 -5.89 14.95
C GLU A 353 -24.16 -4.98 14.92
N ALA A 354 -24.42 -4.35 13.77
CA ALA A 354 -25.54 -3.39 13.57
C ALA A 354 -26.88 -4.07 13.85
N THR A 355 -27.04 -5.33 13.41
CA THR A 355 -28.28 -6.14 13.57
C THR A 355 -28.54 -6.41 15.05
N LEU A 356 -27.51 -6.88 15.79
CA LEU A 356 -27.60 -7.18 17.24
C LEU A 356 -27.85 -5.89 18.03
N GLU A 357 -27.21 -4.79 17.62
CA GLU A 357 -27.38 -3.45 18.25
C GLU A 357 -28.85 -3.04 18.17
N LYS A 358 -29.47 -3.22 16.99
CA LYS A 358 -30.90 -2.89 16.72
C LYS A 358 -31.81 -3.88 17.43
N CYS A 359 -31.55 -5.18 17.25
CA CYS A 359 -32.46 -6.30 17.64
C CYS A 359 -32.52 -6.48 19.17
N CYS A 360 -31.41 -6.22 19.88
CA CYS A 360 -31.31 -6.39 21.36
C CYS A 360 -31.96 -5.21 22.08
N ALA A 361 -32.38 -4.18 21.35
CA ALA A 361 -33.14 -3.01 21.86
C ALA A 361 -34.64 -3.12 21.50
N GLU A 362 -35.03 -4.24 20.87
CA GLU A 362 -36.44 -4.50 20.45
C GLU A 362 -37.14 -5.39 21.50
N ALA A 363 -38.44 -5.60 21.32
CA ALA A 363 -39.31 -6.41 22.22
C ALA A 363 -38.87 -7.87 22.22
N ASP A 364 -38.80 -8.48 21.03
CA ASP A 364 -38.50 -9.92 20.81
C ASP A 364 -37.23 -10.05 19.97
N PRO A 365 -36.02 -10.11 20.62
CA PRO A 365 -34.76 -10.14 19.87
C PRO A 365 -34.56 -11.33 18.92
N PRO A 366 -34.74 -12.59 19.35
CA PRO A 366 -34.45 -13.74 18.49
C PRO A 366 -35.17 -13.74 17.14
N ALA A 367 -36.44 -13.31 17.12
CA ALA A 367 -37.25 -13.14 15.89
C ALA A 367 -36.59 -12.12 14.97
N CYS A 368 -35.98 -11.07 15.56
CA CYS A 368 -35.35 -9.93 14.85
C CYS A 368 -34.04 -10.36 14.17
N TYR A 369 -33.16 -11.09 14.86
CA TYR A 369 -31.81 -11.45 14.36
C TYR A 369 -31.78 -12.87 13.76
N ARG A 370 -32.93 -13.53 13.70
CA ARG A 370 -33.08 -14.89 13.10
C ARG A 370 -32.56 -14.89 11.66
N THR A 371 -32.78 -13.81 10.91
CA THR A 371 -32.49 -13.68 9.46
C THR A 371 -31.20 -12.89 9.20
N VAL A 372 -30.33 -12.74 10.19
CA VAL A 372 -29.14 -11.83 10.11
C VAL A 372 -28.22 -12.28 8.97
N PHE A 373 -28.05 -13.60 8.76
CA PHE A 373 -27.13 -14.18 7.75
C PHE A 373 -27.62 -13.85 6.33
N ASP A 374 -28.92 -13.65 6.16
CA ASP A 374 -29.55 -13.34 4.84
C ASP A 374 -29.23 -11.88 4.45
N GLN A 375 -28.81 -11.05 5.41
CA GLN A 375 -28.40 -9.65 5.15
C GLN A 375 -27.00 -9.63 4.51
N PHE A 376 -26.24 -10.72 4.65
CA PHE A 376 -24.86 -10.87 4.10
C PHE A 376 -24.90 -11.15 2.59
N THR A 377 -25.97 -11.81 2.11
CA THR A 377 -26.10 -12.28 0.70
C THR A 377 -25.85 -11.12 -0.26
N PRO A 378 -26.57 -9.97 -0.15
CA PRO A 378 -26.35 -8.85 -1.06
C PRO A 378 -24.94 -8.25 -0.97
N LEU A 379 -24.34 -8.28 0.22
CA LEU A 379 -22.97 -7.74 0.47
C LEU A 379 -21.94 -8.56 -0.29
N VAL A 380 -22.16 -9.88 -0.41
CA VAL A 380 -21.23 -10.83 -1.09
C VAL A 380 -21.37 -10.66 -2.62
N GLU A 381 -22.61 -10.54 -3.11
CA GLU A 381 -22.94 -10.51 -4.56
C GLU A 381 -22.37 -9.24 -5.23
N GLU A 382 -22.29 -8.12 -4.50
CA GLU A 382 -21.84 -6.81 -5.03
C GLU A 382 -20.42 -6.92 -5.59
N PRO A 383 -19.38 -7.23 -4.77
CA PRO A 383 -18.01 -7.38 -5.29
C PRO A 383 -17.83 -8.52 -6.30
N LYS A 384 -18.56 -9.64 -6.13
CA LYS A 384 -18.52 -10.78 -7.08
C LYS A 384 -18.87 -10.29 -8.49
N SER A 385 -19.92 -9.47 -8.61
CA SER A 385 -20.43 -8.90 -9.90
C SER A 385 -19.38 -7.96 -10.50
N LEU A 386 -18.76 -7.12 -9.68
CA LEU A 386 -17.75 -6.10 -10.09
C LEU A 386 -16.54 -6.83 -10.70
N VAL A 387 -16.02 -7.84 -10.01
CA VAL A 387 -14.82 -8.62 -10.43
C VAL A 387 -15.13 -9.35 -11.74
N LYS A 388 -16.33 -9.92 -11.87
CA LYS A 388 -16.76 -10.66 -13.09
C LYS A 388 -16.89 -9.67 -14.25
N LYS A 389 -17.47 -8.49 -13.99
CA LYS A 389 -17.65 -7.42 -15.02
C LYS A 389 -16.28 -6.94 -15.50
N ASN A 390 -15.37 -6.63 -14.57
CA ASN A 390 -14.02 -6.08 -14.87
C ASN A 390 -13.16 -7.13 -15.57
N CYS A 391 -13.21 -8.39 -15.11
CA CYS A 391 -12.41 -9.52 -15.67
C CYS A 391 -12.92 -9.90 -17.07
N ASP A 392 -14.24 -9.90 -17.27
CA ASP A 392 -14.88 -10.13 -18.61
C ASP A 392 -14.35 -9.07 -19.58
N LEU A 393 -14.34 -7.80 -19.17
CA LEU A 393 -13.88 -6.66 -19.99
C LEU A 393 -12.38 -6.80 -20.27
N PHE A 394 -11.56 -7.01 -19.24
CA PHE A 394 -10.09 -7.18 -19.35
C PHE A 394 -9.76 -8.27 -20.39
N GLU A 395 -10.33 -9.47 -20.24
CA GLU A 395 -10.06 -10.65 -21.11
C GLU A 395 -10.47 -10.36 -22.55
N GLU A 396 -11.44 -9.45 -22.76
CA GLU A 396 -11.95 -9.05 -24.10
C GLU A 396 -10.98 -8.07 -24.77
N VAL A 397 -10.63 -6.97 -24.08
CA VAL A 397 -9.94 -5.79 -24.70
C VAL A 397 -8.46 -5.73 -24.31
N GLY A 398 -8.02 -6.46 -23.28
CA GLY A 398 -6.62 -6.45 -22.81
C GLY A 398 -6.30 -5.24 -21.94
N GLU A 399 -5.05 -5.15 -21.46
CA GLU A 399 -4.65 -4.25 -20.34
C GLU A 399 -4.83 -2.77 -20.74
N TYR A 400 -4.31 -2.36 -21.89
CA TYR A 400 -4.29 -0.95 -22.36
C TYR A 400 -5.72 -0.39 -22.39
N ASP A 401 -6.63 -1.03 -23.14
CA ASP A 401 -8.02 -0.56 -23.32
C ASP A 401 -8.79 -0.68 -21.99
N PHE A 402 -8.44 -1.67 -21.16
CA PHE A 402 -9.03 -1.84 -19.80
C PHE A 402 -8.67 -0.61 -18.95
N GLN A 403 -7.38 -0.27 -18.92
CA GLN A 403 -6.88 0.97 -18.25
C GLN A 403 -7.68 2.19 -18.76
N ASN A 404 -7.86 2.28 -20.08
CA ASN A 404 -8.57 3.40 -20.74
C ASN A 404 -10.02 3.46 -20.24
N ALA A 405 -10.69 2.32 -20.15
CA ALA A 405 -12.08 2.19 -19.62
C ALA A 405 -12.12 2.73 -18.18
N LEU A 406 -11.14 2.37 -17.35
CA LEU A 406 -11.08 2.78 -15.93
C LEU A 406 -10.78 4.28 -15.82
N ILE A 407 -9.89 4.81 -16.67
CA ILE A 407 -9.54 6.26 -16.69
C ILE A 407 -10.79 7.08 -17.03
N VAL A 408 -11.62 6.59 -17.97
CA VAL A 408 -12.92 7.21 -18.35
C VAL A 408 -13.89 7.08 -17.18
N ARG A 409 -14.04 5.87 -16.64
CA ARG A 409 -14.96 5.57 -15.50
C ARG A 409 -14.66 6.54 -14.35
N TYR A 410 -13.38 6.70 -14.01
CA TYR A 410 -12.89 7.40 -12.79
C TYR A 410 -12.86 8.92 -13.01
N THR A 411 -12.53 9.39 -14.22
CA THR A 411 -12.53 10.83 -14.56
C THR A 411 -13.97 11.35 -14.52
N LYS A 412 -14.93 10.55 -14.97
CA LYS A 412 -16.38 10.87 -14.94
C LYS A 412 -16.86 11.00 -13.49
N LYS A 413 -16.35 10.18 -12.59
CA LYS A 413 -16.73 10.17 -11.14
C LYS A 413 -16.13 11.39 -10.42
N ALA A 414 -14.85 11.68 -10.68
CA ALA A 414 -14.03 12.67 -9.94
C ALA A 414 -13.20 13.50 -10.90
N PRO A 415 -13.82 14.33 -11.77
CA PRO A 415 -13.09 15.13 -12.75
C PRO A 415 -12.24 16.26 -12.15
N GLN A 416 -12.42 16.57 -10.86
CA GLN A 416 -11.65 17.62 -10.13
C GLN A 416 -10.23 17.11 -9.84
N VAL A 417 -10.04 15.79 -9.80
CA VAL A 417 -8.73 15.12 -9.53
C VAL A 417 -7.77 15.40 -10.69
N SER A 418 -6.46 15.49 -10.41
CA SER A 418 -5.40 15.83 -11.39
C SER A 418 -5.26 14.70 -12.42
N THR A 419 -4.94 15.06 -13.66
CA THR A 419 -4.78 14.13 -14.81
C THR A 419 -3.75 13.06 -14.46
N PRO A 420 -2.53 13.42 -14.00
CA PRO A 420 -1.51 12.43 -13.63
C PRO A 420 -2.00 11.39 -12.61
N THR A 421 -2.79 11.82 -11.63
CA THR A 421 -3.35 10.97 -10.54
C THR A 421 -4.42 10.03 -11.14
N LEU A 422 -5.32 10.58 -11.97
CA LEU A 422 -6.40 9.79 -12.64
C LEU A 422 -5.77 8.71 -13.53
N VAL A 423 -4.73 9.08 -14.29
CA VAL A 423 -4.00 8.15 -15.19
C VAL A 423 -3.33 7.05 -14.34
N GLU A 424 -2.70 7.45 -13.23
CA GLU A 424 -1.94 6.52 -12.34
C GLU A 424 -2.88 5.48 -11.72
N ILE A 425 -4.08 5.89 -11.26
CA ILE A 425 -5.06 4.96 -10.61
C ILE A 425 -5.66 4.03 -11.69
N GLY A 426 -5.97 4.57 -12.86
CA GLY A 426 -6.44 3.77 -14.02
C GLY A 426 -5.43 2.71 -14.43
N ARG A 427 -4.16 3.10 -14.53
CA ARG A 427 -3.04 2.20 -14.92
C ARG A 427 -2.80 1.16 -13.81
N THR A 428 -2.75 1.60 -12.55
CA THR A 428 -2.51 0.72 -11.36
C THR A 428 -3.60 -0.37 -11.33
N LEU A 429 -4.87 0.02 -11.31
CA LEU A 429 -6.04 -0.91 -11.21
C LEU A 429 -6.16 -1.73 -12.49
N GLY A 430 -5.68 -1.21 -13.63
CA GLY A 430 -5.56 -1.97 -14.88
C GLY A 430 -4.64 -3.18 -14.70
N LYS A 431 -3.50 -2.99 -14.04
CA LYS A 431 -2.48 -4.05 -13.78
C LYS A 431 -3.01 -5.05 -12.74
N VAL A 432 -3.87 -4.60 -11.83
CA VAL A 432 -4.55 -5.47 -10.82
C VAL A 432 -5.41 -6.49 -11.57
N GLY A 433 -6.14 -6.03 -12.60
CA GLY A 433 -6.94 -6.88 -13.49
C GLY A 433 -6.11 -7.97 -14.14
N SER A 434 -4.97 -7.60 -14.73
CA SER A 434 -4.07 -8.53 -15.46
C SER A 434 -3.50 -9.58 -14.50
N ARG A 435 -3.19 -9.19 -13.27
CA ARG A 435 -2.60 -10.08 -12.23
C ARG A 435 -3.69 -11.01 -11.68
N CYS A 436 -4.87 -10.49 -11.36
CA CYS A 436 -5.91 -11.19 -10.56
C CYS A 436 -6.85 -12.01 -11.46
N CYS A 437 -7.21 -11.50 -12.65
CA CYS A 437 -8.20 -12.15 -13.55
C CYS A 437 -7.62 -13.43 -14.17
N LYS A 438 -6.30 -13.63 -14.12
CA LYS A 438 -5.63 -14.85 -14.64
C LYS A 438 -5.65 -15.97 -13.59
N LEU A 439 -5.89 -15.62 -12.31
CA LEU A 439 -5.85 -16.58 -11.17
C LEU A 439 -7.04 -17.54 -11.20
N PRO A 440 -7.03 -18.61 -10.39
CA PRO A 440 -8.23 -19.44 -10.19
C PRO A 440 -9.40 -18.59 -9.68
N GLU A 441 -10.62 -18.92 -10.10
CA GLU A 441 -11.85 -18.08 -9.90
C GLU A 441 -11.99 -17.70 -8.43
N SER A 442 -11.65 -18.61 -7.51
CA SER A 442 -11.83 -18.47 -6.04
C SER A 442 -10.82 -17.48 -5.44
N GLU A 443 -9.72 -17.20 -6.15
CA GLU A 443 -8.63 -16.29 -5.68
C GLU A 443 -8.77 -14.90 -6.34
N ARG A 444 -9.66 -14.75 -7.32
CA ARG A 444 -9.86 -13.48 -8.08
C ARG A 444 -10.36 -12.36 -7.16
N LEU A 445 -11.39 -12.63 -6.36
CA LEU A 445 -12.11 -11.61 -5.55
C LEU A 445 -11.20 -11.10 -4.45
N PRO A 446 -10.52 -11.96 -3.65
CA PRO A 446 -9.56 -11.47 -2.65
C PRO A 446 -8.48 -10.62 -3.33
N CYS A 447 -7.78 -11.20 -4.33
CA CYS A 447 -6.71 -10.54 -5.12
C CYS A 447 -7.17 -9.14 -5.56
N SER A 448 -8.29 -9.08 -6.32
CA SER A 448 -8.86 -7.84 -6.90
C SER A 448 -9.14 -6.81 -5.81
N GLU A 449 -9.98 -7.18 -4.84
CA GLU A 449 -10.56 -6.23 -3.86
C GLU A 449 -9.54 -5.89 -2.76
N ASN A 450 -8.62 -6.80 -2.43
CA ASN A 450 -7.51 -6.52 -1.48
C ASN A 450 -6.56 -5.50 -2.10
N HIS A 451 -6.20 -5.67 -3.38
CA HIS A 451 -5.34 -4.72 -4.14
C HIS A 451 -6.07 -3.39 -4.34
N LEU A 452 -7.38 -3.44 -4.63
CA LEU A 452 -8.23 -2.24 -4.80
C LEU A 452 -8.19 -1.38 -3.53
N ALA A 453 -8.28 -2.02 -2.35
CA ALA A 453 -8.20 -1.36 -1.02
C ALA A 453 -6.89 -0.58 -0.89
N LEU A 454 -5.77 -1.14 -1.39
CA LEU A 454 -4.42 -0.52 -1.34
C LEU A 454 -4.38 0.71 -2.26
N ALA A 455 -4.96 0.59 -3.45
CA ALA A 455 -5.05 1.67 -4.47
C ALA A 455 -5.90 2.83 -3.94
N LEU A 456 -7.05 2.51 -3.34
CA LEU A 456 -7.99 3.52 -2.77
C LEU A 456 -7.33 4.25 -1.60
N ASN A 457 -6.55 3.55 -0.79
CA ASN A 457 -5.85 4.15 0.39
C ASN A 457 -4.77 5.12 -0.12
N ARG A 458 -3.99 4.70 -1.13
CA ARG A 458 -2.96 5.53 -1.80
C ARG A 458 -3.61 6.84 -2.27
N LEU A 459 -4.74 6.74 -3.00
CA LEU A 459 -5.52 7.90 -3.48
C LEU A 459 -5.92 8.80 -2.31
N CYS A 460 -6.39 8.22 -1.19
CA CYS A 460 -6.86 8.97 0.01
C CYS A 460 -5.69 9.70 0.67
N VAL A 461 -4.50 9.08 0.68
CA VAL A 461 -3.25 9.64 1.28
C VAL A 461 -2.79 10.81 0.40
N LEU A 462 -2.82 10.66 -0.93
CA LEU A 462 -2.47 11.74 -1.89
C LEU A 462 -3.46 12.89 -1.72
N HIS A 463 -4.74 12.57 -1.55
CA HIS A 463 -5.86 13.56 -1.43
C HIS A 463 -5.72 14.37 -0.12
N GLU A 464 -5.24 13.75 0.96
CA GLU A 464 -4.92 14.45 2.24
C GLU A 464 -3.94 15.59 1.96
N LYS A 465 -2.91 15.32 1.16
CA LYS A 465 -1.82 16.27 0.81
C LYS A 465 -2.38 17.36 -0.12
N THR A 466 -3.22 16.98 -1.09
CA THR A 466 -3.70 17.86 -2.20
C THR A 466 -5.21 17.69 -2.39
N PRO A 467 -6.07 18.26 -1.50
CA PRO A 467 -7.52 18.07 -1.61
C PRO A 467 -8.10 18.83 -2.82
N VAL A 468 -9.03 18.21 -3.55
CA VAL A 468 -9.65 18.75 -4.79
C VAL A 468 -11.17 18.51 -4.79
N SER A 469 -11.64 17.44 -4.15
CA SER A 469 -13.04 16.93 -4.25
C SER A 469 -13.59 16.60 -2.85
N GLU A 470 -14.78 17.14 -2.54
CA GLU A 470 -15.49 16.90 -1.24
C GLU A 470 -15.98 15.45 -1.17
N LYS A 471 -16.33 14.88 -2.34
CA LYS A 471 -16.82 13.49 -2.49
C LYS A 471 -15.71 12.51 -2.07
N ILE A 472 -14.48 12.74 -2.55
CA ILE A 472 -13.29 11.88 -2.26
C ILE A 472 -13.05 11.88 -0.74
N THR A 473 -13.02 13.06 -0.10
CA THR A 473 -12.84 13.22 1.36
C THR A 473 -13.87 12.36 2.09
N LYS A 474 -15.14 12.45 1.68
CA LYS A 474 -16.28 11.71 2.29
C LYS A 474 -15.94 10.21 2.32
N CYS A 475 -15.58 9.63 1.17
CA CYS A 475 -15.32 8.18 0.98
C CYS A 475 -14.07 7.74 1.75
N CYS A 476 -13.10 8.65 1.90
CA CYS A 476 -11.79 8.38 2.54
C CYS A 476 -11.91 8.37 4.06
N THR A 477 -12.78 9.22 4.63
CA THR A 477 -12.87 9.49 6.09
C THR A 477 -13.94 8.59 6.73
N ASP A 478 -14.87 8.06 5.94
CA ASP A 478 -15.84 7.02 6.41
C ASP A 478 -15.08 5.70 6.59
N SER A 479 -15.73 4.70 7.20
CA SER A 479 -15.12 3.42 7.65
C SER A 479 -14.35 2.74 6.50
N LEU A 480 -13.30 1.99 6.85
CA LEU A 480 -12.48 1.16 5.94
C LEU A 480 -13.38 0.16 5.21
N ALA A 481 -14.35 -0.43 5.90
CA ALA A 481 -15.29 -1.44 5.36
C ALA A 481 -16.15 -0.81 4.27
N GLU A 482 -16.65 0.41 4.48
CA GLU A 482 -17.61 1.09 3.56
C GLU A 482 -16.87 1.87 2.45
N ARG A 483 -15.55 1.97 2.52
CA ARG A 483 -14.71 2.77 1.59
C ARG A 483 -15.03 2.41 0.14
N ARG A 484 -14.91 1.14 -0.25
CA ARG A 484 -15.08 0.68 -1.66
C ARG A 484 -16.52 0.93 -2.11
N PRO A 485 -17.55 0.50 -1.34
CA PRO A 485 -18.94 0.89 -1.64
C PRO A 485 -19.15 2.39 -1.91
N CYS A 486 -18.52 3.26 -1.11
CA CYS A 486 -18.62 4.74 -1.23
C CYS A 486 -18.04 5.18 -2.58
N PHE A 487 -16.86 4.66 -2.92
CA PHE A 487 -16.13 4.96 -4.18
C PHE A 487 -16.93 4.43 -5.38
N SER A 488 -17.50 3.23 -5.26
CA SER A 488 -18.38 2.61 -6.29
C SER A 488 -19.60 3.50 -6.54
N ALA A 489 -20.16 4.07 -5.46
CA ALA A 489 -21.42 4.87 -5.47
C ALA A 489 -21.17 6.28 -6.03
N LEU A 490 -19.90 6.72 -6.12
CA LEU A 490 -19.54 8.04 -6.70
C LEU A 490 -20.04 8.12 -8.14
N GLU A 491 -20.70 9.22 -8.51
CA GLU A 491 -21.22 9.48 -9.87
C GLU A 491 -20.89 10.92 -10.27
N LEU A 492 -20.90 11.18 -11.58
CA LEU A 492 -20.65 12.52 -12.20
C LEU A 492 -21.55 13.55 -11.53
N ASP A 493 -20.97 14.67 -11.07
CA ASP A 493 -21.70 15.81 -10.44
C ASP A 493 -22.72 16.37 -11.43
N GLU A 494 -23.98 16.48 -11.00
CA GLU A 494 -25.11 17.00 -11.82
C GLU A 494 -24.86 18.47 -12.21
N GLY A 495 -24.11 19.20 -11.38
CA GLY A 495 -23.74 20.61 -11.60
C GLY A 495 -22.24 20.80 -11.77
N TYR A 496 -21.53 19.81 -12.33
CA TYR A 496 -20.10 19.93 -12.70
C TYR A 496 -19.97 20.84 -13.92
N VAL A 497 -19.02 21.78 -13.88
CA VAL A 497 -18.72 22.74 -14.98
C VAL A 497 -17.57 22.17 -15.83
N PRO A 498 -17.83 21.74 -17.09
CA PRO A 498 -16.78 21.21 -17.95
C PRO A 498 -15.53 22.11 -18.03
N LYS A 499 -14.36 21.51 -17.82
CA LYS A 499 -13.04 22.19 -17.95
C LYS A 499 -12.97 22.90 -19.31
N GLU A 500 -12.53 24.15 -19.33
CA GLU A 500 -12.42 24.96 -20.56
C GLU A 500 -11.52 24.23 -21.57
N PHE A 501 -11.94 24.20 -22.84
CA PHE A 501 -11.15 23.63 -23.97
C PHE A 501 -9.83 24.38 -24.10
N LYS A 502 -8.74 23.65 -24.31
CA LYS A 502 -7.38 24.21 -24.55
C LYS A 502 -6.68 23.33 -25.60
N ALA A 503 -6.61 23.82 -26.85
CA ALA A 503 -6.09 23.09 -28.03
C ALA A 503 -4.73 22.47 -27.72
N GLU A 504 -3.87 23.19 -26.98
CA GLU A 504 -2.48 22.77 -26.63
C GLU A 504 -2.50 21.45 -25.86
N THR A 505 -3.52 21.23 -25.02
CA THR A 505 -3.68 20.01 -24.18
C THR A 505 -3.72 18.77 -25.09
N PHE A 506 -4.41 18.86 -26.23
CA PHE A 506 -4.70 17.72 -27.16
C PHE A 506 -3.75 17.76 -28.37
N THR A 507 -2.88 18.76 -28.44
CA THR A 507 -1.86 18.92 -29.51
C THR A 507 -0.66 18.04 -29.17
N PHE A 508 -0.35 17.09 -30.06
CA PHE A 508 0.85 16.22 -29.99
C PHE A 508 1.96 16.80 -30.87
N HIS A 509 3.22 16.60 -30.48
CA HIS A 509 4.43 17.02 -31.24
C HIS A 509 5.35 15.80 -31.39
N ALA A 510 6.46 15.96 -32.12
CA ALA A 510 7.40 14.87 -32.49
C ALA A 510 8.16 14.37 -31.25
N ASP A 511 8.09 15.11 -30.13
CA ASP A 511 8.75 14.75 -28.84
C ASP A 511 8.24 13.39 -28.34
N ILE A 512 6.99 13.02 -28.67
CA ILE A 512 6.33 11.76 -28.21
C ILE A 512 7.01 10.53 -28.85
N CYS A 513 7.62 10.69 -30.03
CA CYS A 513 8.27 9.59 -30.80
C CYS A 513 9.53 9.11 -30.06
N THR A 514 10.16 9.99 -29.29
CA THR A 514 11.31 9.69 -28.39
C THR A 514 10.91 8.61 -27.39
N LEU A 515 9.79 8.84 -26.71
CA LEU A 515 9.36 8.13 -25.47
C LEU A 515 9.18 6.64 -25.75
N PRO A 516 9.53 5.74 -24.80
CA PRO A 516 9.22 4.32 -24.94
C PRO A 516 7.70 4.06 -24.82
N GLU A 517 7.28 2.82 -25.09
CA GLU A 517 5.85 2.43 -25.29
C GLU A 517 5.01 2.88 -24.10
N ASP A 518 5.39 2.47 -22.89
CA ASP A 518 4.66 2.78 -21.63
C ASP A 518 4.49 4.30 -21.47
N GLU A 519 5.52 5.09 -21.82
CA GLU A 519 5.50 6.57 -21.69
C GLU A 519 4.61 7.18 -22.79
N LYS A 520 4.62 6.61 -24.00
CA LYS A 520 3.71 7.00 -25.11
C LYS A 520 2.26 6.81 -24.65
N GLN A 521 1.96 5.62 -24.11
CA GLN A 521 0.62 5.26 -23.57
C GLN A 521 0.16 6.33 -22.56
N ILE A 522 1.02 6.67 -21.61
CA ILE A 522 0.71 7.64 -20.52
C ILE A 522 0.34 9.00 -21.12
N LYS A 523 1.03 9.42 -22.19
CA LYS A 523 0.76 10.71 -22.89
C LYS A 523 -0.64 10.67 -23.51
N LYS A 524 -1.02 9.56 -24.14
CA LYS A 524 -2.33 9.38 -24.83
C LYS A 524 -3.43 9.23 -23.77
N GLN A 525 -3.15 8.48 -22.71
CA GLN A 525 -4.09 8.22 -21.59
C GLN A 525 -4.34 9.53 -20.81
N SER A 526 -3.35 10.42 -20.77
CA SER A 526 -3.48 11.79 -20.19
C SER A 526 -4.43 12.63 -21.04
N ALA A 527 -4.29 12.56 -22.36
CA ALA A 527 -5.18 13.24 -23.34
C ALA A 527 -6.61 12.67 -23.19
N LEU A 528 -6.74 11.37 -22.93
CA LEU A 528 -8.06 10.69 -22.73
C LEU A 528 -8.79 11.31 -21.54
N ALA A 529 -8.12 11.42 -20.40
CA ALA A 529 -8.66 12.05 -19.16
C ALA A 529 -9.13 13.47 -19.48
N GLU A 530 -8.28 14.26 -20.13
CA GLU A 530 -8.56 15.67 -20.53
C GLU A 530 -9.79 15.72 -21.46
N LEU A 531 -9.95 14.76 -22.36
CA LEU A 531 -11.14 14.67 -23.25
C LEU A 531 -12.40 14.59 -22.39
N VAL A 532 -12.38 13.77 -21.33
CA VAL A 532 -13.55 13.53 -20.44
C VAL A 532 -13.81 14.78 -19.59
N LYS A 533 -12.76 15.44 -19.10
CA LYS A 533 -12.89 16.65 -18.23
C LYS A 533 -13.62 17.76 -19.02
N HIS A 534 -13.39 17.85 -20.33
CA HIS A 534 -14.02 18.87 -21.23
C HIS A 534 -15.40 18.37 -21.70
N LYS A 535 -15.55 17.05 -21.90
CA LYS A 535 -16.80 16.43 -22.41
C LYS A 535 -17.19 15.28 -21.48
N PRO A 536 -17.68 15.58 -20.26
CA PRO A 536 -17.95 14.54 -19.25
C PRO A 536 -19.14 13.63 -19.58
N LYS A 537 -20.02 14.07 -20.49
CA LYS A 537 -21.23 13.32 -20.93
C LYS A 537 -20.90 12.47 -22.17
N ALA A 538 -19.70 12.60 -22.74
CA ALA A 538 -19.21 11.79 -23.87
C ALA A 538 -19.30 10.31 -23.49
N THR A 539 -19.81 9.45 -24.39
CA THR A 539 -19.94 7.99 -24.18
C THR A 539 -18.55 7.34 -24.31
N LYS A 540 -18.40 6.14 -23.72
CA LYS A 540 -17.15 5.34 -23.71
C LYS A 540 -16.69 5.07 -25.15
N GLU A 541 -17.62 4.75 -26.05
CA GLU A 541 -17.33 4.35 -27.45
C GLU A 541 -16.88 5.58 -28.25
N GLN A 542 -17.50 6.74 -28.02
CA GLN A 542 -17.09 8.05 -28.60
C GLN A 542 -15.61 8.27 -28.26
N LEU A 543 -15.28 8.18 -26.97
CA LEU A 543 -13.92 8.44 -26.42
C LEU A 543 -12.94 7.39 -26.95
N LYS A 544 -13.39 6.13 -27.05
CA LYS A 544 -12.57 5.00 -27.59
C LYS A 544 -12.20 5.30 -29.04
N THR A 545 -13.14 5.81 -29.83
CA THR A 545 -12.96 6.12 -31.28
C THR A 545 -11.96 7.28 -31.42
N VAL A 546 -12.14 8.35 -30.64
CA VAL A 546 -11.30 9.57 -30.69
C VAL A 546 -9.86 9.21 -30.30
N LEU A 547 -9.68 8.40 -29.25
CA LEU A 547 -8.33 7.97 -28.79
C LEU A 547 -7.69 7.11 -29.90
N GLY A 548 -8.46 6.21 -30.51
CA GLY A 548 -8.05 5.40 -31.66
C GLY A 548 -7.49 6.26 -32.79
N ASN A 549 -8.16 7.38 -33.08
CA ASN A 549 -7.76 8.34 -34.15
C ASN A 549 -6.45 9.04 -33.75
N PHE A 550 -6.30 9.39 -32.47
CA PHE A 550 -5.06 10.02 -31.91
C PHE A 550 -3.91 9.02 -31.96
N SER A 551 -4.17 7.75 -31.64
CA SER A 551 -3.17 6.64 -31.67
C SER A 551 -2.62 6.46 -33.10
N ALA A 552 -3.52 6.40 -34.09
CA ALA A 552 -3.20 6.23 -35.52
C ALA A 552 -2.35 7.42 -36.00
N PHE A 553 -2.74 8.63 -35.63
CA PHE A 553 -2.06 9.90 -35.96
C PHE A 553 -0.62 9.86 -35.44
N VAL A 554 -0.43 9.49 -34.17
CA VAL A 554 0.91 9.39 -33.50
C VAL A 554 1.76 8.34 -34.21
N ALA A 555 1.19 7.19 -34.53
CA ALA A 555 1.87 6.05 -35.20
C ALA A 555 2.32 6.45 -36.61
N LYS A 556 1.48 7.19 -37.34
CA LYS A 556 1.75 7.61 -38.74
C LYS A 556 2.91 8.62 -38.76
N CYS A 557 2.83 9.66 -37.94
CA CYS A 557 3.76 10.82 -37.95
C CYS A 557 5.11 10.44 -37.31
N CYS A 558 5.12 9.52 -36.35
CA CYS A 558 6.38 8.96 -35.76
C CYS A 558 7.06 8.04 -36.78
N GLY A 559 6.31 7.51 -37.76
CA GLY A 559 6.82 6.63 -38.83
C GLY A 559 7.07 7.38 -40.13
N ALA A 560 7.00 8.72 -40.09
CA ALA A 560 7.11 9.61 -41.27
C ALA A 560 8.57 10.02 -41.48
N GLU A 561 8.93 10.38 -42.73
CA GLU A 561 10.30 10.84 -43.09
C GLU A 561 10.55 12.22 -42.45
N ASP A 562 9.54 13.10 -42.43
CA ASP A 562 9.60 14.44 -41.80
C ASP A 562 8.54 14.49 -40.69
N LYS A 563 8.93 14.19 -39.45
CA LYS A 563 8.00 13.91 -38.32
C LYS A 563 7.26 15.19 -37.90
N GLU A 564 7.96 16.32 -37.75
CA GLU A 564 7.35 17.57 -37.23
C GLU A 564 6.39 18.18 -38.28
N ALA A 565 6.69 18.02 -39.56
CA ALA A 565 5.82 18.48 -40.68
C ALA A 565 4.48 17.74 -40.60
N CYS A 566 4.53 16.43 -40.37
CA CYS A 566 3.35 15.53 -40.22
C CYS A 566 2.48 15.99 -39.04
N PHE A 567 3.06 16.12 -37.86
CA PHE A 567 2.38 16.59 -36.62
C PHE A 567 1.79 17.99 -36.85
N ALA A 568 2.57 18.89 -37.46
CA ALA A 568 2.20 20.31 -37.71
C ALA A 568 0.97 20.40 -38.62
N GLU A 569 0.87 19.51 -39.62
CA GLU A 569 -0.20 19.52 -40.65
C GLU A 569 -1.44 18.77 -40.13
N GLU A 570 -1.24 17.56 -39.61
CA GLU A 570 -2.32 16.58 -39.29
C GLU A 570 -2.88 16.85 -37.90
N GLY A 571 -2.04 17.29 -36.95
CA GLY A 571 -2.39 17.53 -35.54
C GLY A 571 -3.62 18.43 -35.40
N PRO A 572 -3.56 19.69 -35.88
CA PRO A 572 -4.68 20.63 -35.74
C PRO A 572 -6.02 20.14 -36.31
N LYS A 573 -5.99 19.35 -37.38
CA LYS A 573 -7.20 18.78 -38.03
C LYS A 573 -7.90 17.84 -37.05
N LEU A 574 -7.13 16.94 -36.42
CA LEU A 574 -7.63 15.91 -35.47
C LEU A 574 -8.16 16.57 -34.20
N VAL A 575 -7.48 17.62 -33.71
CA VAL A 575 -7.90 18.38 -32.50
C VAL A 575 -9.27 19.02 -32.77
N ALA A 576 -9.45 19.61 -33.96
CA ALA A 576 -10.70 20.28 -34.39
C ALA A 576 -11.84 19.26 -34.49
N SER A 577 -11.63 18.17 -35.23
CA SER A 577 -12.64 17.12 -35.50
C SER A 577 -13.04 16.40 -34.20
N SER A 578 -12.09 16.23 -33.28
CA SER A 578 -12.27 15.49 -31.99
C SER A 578 -13.32 16.15 -31.10
N GLN A 579 -13.39 17.49 -31.10
CA GLN A 579 -14.41 18.26 -30.32
C GLN A 579 -15.81 17.87 -30.80
N LEU A 580 -16.01 17.80 -32.12
CA LEU A 580 -17.32 17.52 -32.77
C LEU A 580 -17.76 16.08 -32.50
N ALA A 581 -16.80 15.17 -32.29
CA ALA A 581 -17.02 13.71 -32.12
C ALA A 581 -17.50 13.40 -30.68
N LEU A 582 -17.34 14.33 -29.75
CA LEU A 582 -17.59 14.11 -28.30
C LEU A 582 -18.77 14.95 -27.80
N ALA A 583 -19.47 15.65 -28.71
CA ALA A 583 -20.61 16.54 -28.38
C ALA A 583 -21.57 15.83 -27.41
#